data_3CIW
#
_entry.id   3CIW
#
_cell.length_a   50.974
_cell.length_b   79.228
_cell.length_c   85.941
_cell.angle_alpha   90.00
_cell.angle_beta   90.00
_cell.angle_gamma   90.00
#
_symmetry.space_group_name_H-M   'P 21 21 21'
#
loop_
_entity.id
_entity.type
_entity.pdbx_description
1 polymer 'FeFe-Hydrogenase maturase'
2 non-polymer 'CHLORIDE ION'
3 non-polymer 'IRON/SULFUR CLUSTER'
4 non-polymer S-ADENOSYL-L-HOMOCYSTEINE
5 non-polymer 3-[(3-CHOLAMIDOPROPYL)DIMETHYLAMMONIO]-1-PROPANESULFONATE
6 non-polymer 'sulfoacetic acid'
7 water water
#
_entity_poly.entity_id   1
_entity_poly.type   'polypeptide(L)'
_entity_poly.pdbx_seq_one_letter_code
;MTGREILEKLERREFTREVLKEALSINDRGFNEALFKLADEIRRKYVGDEVHIRAIIEFSNVCRKNCLYCGLRRDNKNLK
RYRMTPEEIVERARLAVQFGAKTIVLQSGEDPY(OTY)MPDVISDIVKEIKKMGVAVTLSLGEWPREYYEKWKEAGADRY
LLRHETANPVLHRKLRPDTSFENRLN(CSO)LLTLKELGYETGAGSMVGLPGQTIDDLVDDLLFLKEHDFDMVGIGPFIP
HPDTPLANEKKGDFTLTLKMVALTRILLPDSNIPATTAMGTIVPGGREITLRCGANVIMPNWTPSPYRQLYQLYPGKICV
FEKDTACIP(CSO)VMKMIELLGRKPGRDWGGRKRVFETV
;
_entity_poly.pdbx_strand_id   A
#
# COMPACT_ATOMS: atom_id res chain seq x y z
N MET A 1 28.04 -15.09 0.32
CA MET A 1 28.37 -14.84 1.75
C MET A 1 27.42 -15.61 2.64
N THR A 2 27.83 -15.86 3.88
CA THR A 2 26.96 -16.52 4.85
C THR A 2 25.83 -15.57 5.23
N GLY A 3 24.78 -16.12 5.82
CA GLY A 3 23.71 -15.28 6.34
C GLY A 3 24.25 -14.26 7.33
N ARG A 4 25.15 -14.70 8.21
CA ARG A 4 25.72 -13.81 9.21
C ARG A 4 26.40 -12.64 8.53
N GLU A 5 27.11 -12.91 7.43
CA GLU A 5 27.79 -11.85 6.71
C GLU A 5 26.82 -10.87 6.03
N ILE A 6 25.75 -11.40 5.45
CA ILE A 6 24.72 -10.55 4.84
C ILE A 6 24.09 -9.63 5.89
N LEU A 7 23.75 -10.19 7.05
CA LEU A 7 23.18 -9.39 8.14
C LEU A 7 24.13 -8.29 8.56
N GLU A 8 25.42 -8.60 8.66
CA GLU A 8 26.39 -7.58 9.06
C GLU A 8 26.47 -6.46 8.04
N LYS A 9 26.41 -6.79 6.76
CA LYS A 9 26.42 -5.79 5.70
C LYS A 9 25.14 -4.93 5.75
N LEU A 10 23.99 -5.57 5.98
CA LEU A 10 22.75 -4.81 6.16
C LEU A 10 22.82 -3.86 7.35
N GLU A 11 23.39 -4.32 8.47
CA GLU A 11 23.51 -3.48 9.65
C GLU A 11 24.45 -2.30 9.42
N ARG A 12 25.46 -2.49 8.57
CA ARG A 12 26.37 -1.43 8.18
C ARG A 12 25.87 -0.64 6.98
N ARG A 13 24.68 -0.96 6.49
CA ARG A 13 24.06 -0.26 5.36
C ARG A 13 24.89 -0.29 4.08
N GLU A 14 25.54 -1.43 3.85
CA GLU A 14 26.16 -1.72 2.57
C GLU A 14 25.09 -2.36 1.69
N PHE A 15 24.24 -1.52 1.11
CA PHE A 15 23.05 -1.98 0.38
C PHE A 15 23.36 -2.21 -1.08
N THR A 16 24.24 -3.16 -1.34
CA THR A 16 24.64 -3.46 -2.70
C THR A 16 23.60 -4.37 -3.33
N ARG A 17 23.52 -4.37 -4.65
CA ARG A 17 22.68 -5.33 -5.34
C ARG A 17 22.98 -6.75 -4.86
N GLU A 18 24.25 -7.06 -4.68
CA GLU A 18 24.65 -8.41 -4.30
CA GLU A 18 24.64 -8.42 -4.28
C GLU A 18 24.11 -8.77 -2.90
N VAL A 19 24.20 -7.83 -1.96
CA VAL A 19 23.73 -8.06 -0.59
C VAL A 19 22.20 -8.27 -0.59
N LEU A 20 21.49 -7.43 -1.32
CA LEU A 20 20.02 -7.54 -1.41
C LEU A 20 19.60 -8.85 -2.08
N LYS A 21 20.30 -9.25 -3.16
CA LYS A 21 19.98 -10.51 -3.80
C LYS A 21 20.19 -11.71 -2.88
N GLU A 22 21.29 -11.69 -2.14
CA GLU A 22 21.57 -12.78 -1.24
C GLU A 22 20.55 -12.82 -0.10
N ALA A 23 20.21 -11.66 0.45
CA ALA A 23 19.18 -11.60 1.49
C ALA A 23 17.86 -12.23 1.02
N LEU A 24 17.47 -11.97 -0.23
CA LEU A 24 16.23 -12.52 -0.76
C LEU A 24 16.35 -13.98 -1.18
N SER A 25 17.56 -14.47 -1.41
CA SER A 25 17.77 -15.82 -1.93
C SER A 25 17.97 -16.86 -0.82
N ILE A 26 18.56 -16.44 0.30
CA ILE A 26 18.72 -17.32 1.47
C ILE A 26 17.36 -17.66 2.10
N ASN A 27 17.12 -18.94 2.31
CA ASN A 27 15.86 -19.44 2.89
C ASN A 27 16.01 -20.00 4.30
N ASP A 28 17.19 -19.83 4.88
CA ASP A 28 17.49 -20.29 6.20
C ASP A 28 16.62 -19.61 7.24
N ARG A 29 16.01 -20.39 8.14
CA ARG A 29 15.10 -19.86 9.17
C ARG A 29 15.79 -18.87 10.11
N GLY A 30 16.99 -19.23 10.56
CA GLY A 30 17.78 -18.36 11.40
C GLY A 30 18.06 -17.02 10.77
N PHE A 31 18.48 -17.05 9.51
CA PHE A 31 18.72 -15.81 8.78
C PHE A 31 17.44 -14.97 8.70
N ASN A 32 16.36 -15.61 8.29
CA ASN A 32 15.11 -14.86 8.09
C ASN A 32 14.68 -14.21 9.40
N GLU A 33 14.76 -14.97 10.49
CA GLU A 33 14.31 -14.46 11.77
C GLU A 33 15.16 -13.26 12.23
N ALA A 34 16.47 -13.35 11.97
CA ALA A 34 17.36 -12.24 12.27
C ALA A 34 17.07 -11.02 11.40
N LEU A 35 16.79 -11.22 10.12
CA LEU A 35 16.39 -10.15 9.24
C LEU A 35 15.13 -9.46 9.77
N PHE A 36 14.12 -10.24 10.16
CA PHE A 36 12.87 -9.68 10.67
C PHE A 36 13.10 -8.92 11.97
N LYS A 37 13.94 -9.47 12.84
CA LYS A 37 14.28 -8.78 14.08
C LYS A 37 14.97 -7.45 13.81
N LEU A 38 15.88 -7.45 12.85
CA LEU A 38 16.56 -6.22 12.47
C LEU A 38 15.58 -5.17 11.98
N ALA A 39 14.69 -5.57 11.07
CA ALA A 39 13.71 -4.61 10.56
C ALA A 39 12.78 -4.10 11.65
N ASP A 40 12.39 -5.00 12.57
CA ASP A 40 11.52 -4.63 13.70
C ASP A 40 12.22 -3.59 14.58
N GLU A 41 13.51 -3.79 14.82
CA GLU A 41 14.27 -2.89 15.65
C GLU A 41 14.47 -1.52 14.99
N ILE A 42 14.77 -1.54 13.69
CA ILE A 42 14.90 -0.29 12.94
C ILE A 42 13.58 0.48 12.96
N ARG A 43 12.48 -0.23 12.72
CA ARG A 43 11.17 0.39 12.82
C ARG A 43 10.99 1.05 14.19
N ARG A 44 11.23 0.30 15.26
CA ARG A 44 11.05 0.89 16.58
C ARG A 44 11.91 2.15 16.77
N LYS A 45 13.16 2.06 16.37
CA LYS A 45 14.08 3.18 16.58
C LYS A 45 13.71 4.43 15.80
N TYR A 46 13.27 4.27 14.56
CA TYR A 46 13.05 5.41 13.71
C TYR A 46 11.63 5.93 13.71
N VAL A 47 10.63 5.04 13.77
CA VAL A 47 9.22 5.47 13.72
C VAL A 47 8.42 5.13 14.97
N GLY A 48 9.06 4.51 15.95
CA GLY A 48 8.44 4.25 17.23
C GLY A 48 7.34 3.20 17.21
N ASP A 49 6.56 3.19 18.27
CA ASP A 49 5.54 2.15 18.51
C ASP A 49 4.15 2.54 18.05
N GLU A 50 3.97 3.76 17.55
CA GLU A 50 2.67 4.17 17.02
CA GLU A 50 2.69 4.19 17.00
C GLU A 50 2.39 3.44 15.71
N VAL A 51 1.20 2.88 15.61
CA VAL A 51 0.71 2.31 14.38
C VAL A 51 -0.36 3.24 13.86
N HIS A 52 -0.11 3.83 12.69
CA HIS A 52 -1.01 4.81 12.12
C HIS A 52 -2.14 4.14 11.38
N ILE A 53 -3.35 4.60 11.66
CA ILE A 53 -4.55 4.03 11.10
C ILE A 53 -4.99 4.92 9.95
N ARG A 54 -5.10 4.32 8.75
CA ARG A 54 -5.60 5.03 7.56
C ARG A 54 -6.92 4.36 7.18
N ALA A 55 -8.06 5.02 7.37
CA ALA A 55 -9.35 4.42 7.04
C ALA A 55 -9.58 4.52 5.55
N ILE A 56 -9.76 3.37 4.88
CA ILE A 56 -9.90 3.37 3.43
C ILE A 56 -11.34 3.20 3.00
N ILE A 57 -11.79 4.10 2.13
CA ILE A 57 -13.10 4.00 1.51
C ILE A 57 -12.87 3.74 0.04
N GLU A 58 -13.28 2.56 -0.40
CA GLU A 58 -13.14 2.14 -1.79
C GLU A 58 -14.45 2.51 -2.49
N PHE A 59 -14.48 3.70 -3.08
CA PHE A 59 -15.76 4.36 -3.36
C PHE A 59 -16.36 4.03 -4.72
N SER A 60 -15.59 3.40 -5.59
CA SER A 60 -16.05 2.97 -6.90
C SER A 60 -15.17 1.83 -7.35
N ASN A 61 -15.81 0.79 -7.91
CA ASN A 61 -15.05 -0.28 -8.54
C ASN A 61 -15.11 -0.25 -10.07
N VAL A 62 -15.50 0.90 -10.62
CA VAL A 62 -15.46 1.11 -12.08
C VAL A 62 -14.02 1.36 -12.49
N CYS A 63 -13.56 0.70 -13.53
CA CYS A 63 -12.23 0.97 -14.03
C CYS A 63 -12.13 0.92 -15.54
N ARG A 64 -11.37 1.87 -16.10
CA ARG A 64 -11.11 1.94 -17.53
C ARG A 64 -9.92 1.10 -17.98
N LYS A 65 -9.07 0.70 -17.05
CA LYS A 65 -7.88 -0.08 -17.39
C LYS A 65 -8.16 -1.57 -17.29
N ASN A 66 -7.19 -2.37 -17.77
CA ASN A 66 -7.38 -3.81 -17.96
C ASN A 66 -6.20 -4.62 -17.39
N CYS A 67 -5.66 -4.18 -16.26
CA CYS A 67 -4.50 -4.84 -15.66
C CYS A 67 -4.78 -6.33 -15.51
N LEU A 68 -3.82 -7.15 -15.91
CA LEU A 68 -4.07 -8.59 -16.00
C LEU A 68 -4.32 -9.26 -14.67
N TYR A 69 -3.78 -8.67 -13.59
CA TYR A 69 -3.88 -9.26 -12.25
C TYR A 69 -5.13 -8.86 -11.49
N CYS A 70 -5.84 -7.83 -11.94
CA CYS A 70 -6.82 -7.15 -11.10
C CYS A 70 -8.26 -7.55 -11.38
N GLY A 71 -9.00 -7.90 -10.35
CA GLY A 71 -10.41 -8.22 -10.48
C GLY A 71 -11.30 -7.11 -10.96
N LEU A 72 -10.86 -5.85 -10.85
CA LEU A 72 -11.65 -4.73 -11.34
C LEU A 72 -11.38 -4.40 -12.80
N ARG A 73 -10.49 -5.15 -13.45
CA ARG A 73 -10.14 -4.89 -14.87
C ARG A 73 -11.37 -4.77 -15.73
N ARG A 74 -11.32 -3.89 -16.73
CA ARG A 74 -12.54 -3.56 -17.45
C ARG A 74 -13.19 -4.75 -18.15
N ASP A 75 -12.38 -5.72 -18.54
CA ASP A 75 -12.94 -6.89 -19.24
C ASP A 75 -13.69 -7.85 -18.32
N ASN A 76 -13.66 -7.63 -17.01
CA ASN A 76 -14.37 -8.52 -16.11
C ASN A 76 -15.85 -8.17 -16.07
N LYS A 77 -16.64 -8.94 -16.81
CA LYS A 77 -18.10 -8.77 -16.82
C LYS A 77 -18.80 -9.41 -15.62
N ASN A 78 -18.09 -10.25 -14.86
CA ASN A 78 -18.68 -11.01 -13.74
CA ASN A 78 -18.68 -11.01 -13.75
C ASN A 78 -18.57 -10.25 -12.42
N LEU A 79 -18.86 -8.97 -12.47
CA LEU A 79 -18.72 -8.12 -11.31
C LEU A 79 -19.75 -7.02 -11.39
N LYS A 80 -20.54 -6.89 -10.33
CA LYS A 80 -21.45 -5.79 -10.19
C LYS A 80 -20.61 -4.54 -9.93
N ARG A 81 -20.75 -3.55 -10.79
CA ARG A 81 -20.06 -2.28 -10.62
C ARG A 81 -20.92 -1.33 -9.76
N TYR A 82 -20.26 -0.54 -8.94
CA TYR A 82 -20.93 0.43 -8.09
C TYR A 82 -20.15 1.73 -8.05
N ARG A 83 -20.86 2.77 -7.66
CA ARG A 83 -20.31 4.09 -7.42
C ARG A 83 -21.02 4.68 -6.22
N MET A 84 -20.28 5.00 -5.17
CA MET A 84 -20.82 5.78 -4.07
C MET A 84 -21.04 7.23 -4.51
N THR A 85 -22.10 7.86 -4.00
CA THR A 85 -22.34 9.26 -4.31
C THR A 85 -21.38 10.11 -3.51
N PRO A 86 -21.12 11.33 -3.96
CA PRO A 86 -20.23 12.19 -3.19
C PRO A 86 -20.71 12.41 -1.76
N GLU A 87 -22.02 12.55 -1.57
CA GLU A 87 -22.57 12.70 -0.22
C GLU A 87 -22.30 11.46 0.63
N GLU A 88 -22.49 10.28 0.06
CA GLU A 88 -22.22 9.03 0.76
C GLU A 88 -20.76 8.96 1.17
N ILE A 89 -19.86 9.37 0.28
CA ILE A 89 -18.43 9.29 0.55
C ILE A 89 -18.08 10.24 1.68
N VAL A 90 -18.58 11.47 1.60
CA VAL A 90 -18.27 12.47 2.63
C VAL A 90 -18.79 12.02 4.00
N GLU A 91 -20.00 11.51 4.02
CA GLU A 91 -20.60 11.13 5.29
C GLU A 91 -19.93 9.88 5.85
N ARG A 92 -19.48 8.99 4.96
CA ARG A 92 -18.77 7.81 5.38
C ARG A 92 -17.40 8.19 5.97
N ALA A 93 -16.72 9.14 5.35
CA ALA A 93 -15.49 9.72 5.89
C ALA A 93 -15.74 10.33 7.27
N ARG A 94 -16.83 11.08 7.39
CA ARG A 94 -17.18 11.73 8.65
C ARG A 94 -17.33 10.67 9.74
N LEU A 95 -17.98 9.56 9.42
CA LEU A 95 -18.14 8.48 10.40
C LEU A 95 -16.77 7.93 10.81
N ALA A 96 -15.87 7.77 9.84
CA ALA A 96 -14.51 7.32 10.18
C ALA A 96 -13.80 8.29 11.12
N VAL A 97 -13.92 9.58 10.85
CA VAL A 97 -13.33 10.58 11.72
C VAL A 97 -13.98 10.54 13.11
N GLN A 98 -15.28 10.33 13.17
CA GLN A 98 -15.96 10.15 14.45
C GLN A 98 -15.42 8.94 15.22
N PHE A 99 -14.97 7.92 14.49
CA PHE A 99 -14.40 6.70 15.06
C PHE A 99 -12.91 6.83 15.38
N GLY A 100 -12.33 8.00 15.12
CA GLY A 100 -10.95 8.30 15.48
C GLY A 100 -9.93 8.25 14.34
N ALA A 101 -10.38 8.03 13.10
CA ALA A 101 -9.44 8.00 11.96
C ALA A 101 -8.84 9.40 11.79
N LYS A 102 -7.51 9.43 11.68
CA LYS A 102 -6.80 10.67 11.45
CA LYS A 102 -6.73 10.63 11.47
C LYS A 102 -6.32 10.83 10.01
N THR A 103 -6.43 9.77 9.19
CA THR A 103 -6.25 9.86 7.75
C THR A 103 -7.42 9.13 7.12
N ILE A 104 -7.97 9.72 6.06
CA ILE A 104 -8.96 9.08 5.20
C ILE A 104 -8.29 8.81 3.85
N VAL A 105 -8.37 7.56 3.39
CA VAL A 105 -7.85 7.16 2.08
C VAL A 105 -9.06 6.95 1.19
N LEU A 106 -9.09 7.66 0.05
CA LEU A 106 -10.08 7.44 -0.98
C LEU A 106 -9.43 6.65 -2.12
N GLN A 107 -9.95 5.44 -2.38
CA GLN A 107 -9.39 4.58 -3.41
C GLN A 107 -10.52 4.15 -4.34
N SER A 108 -10.16 3.98 -5.61
CA SER A 108 -11.10 3.50 -6.60
C SER A 108 -10.36 2.88 -7.76
N GLY A 109 -11.14 2.21 -8.59
CA GLY A 109 -10.68 1.95 -9.96
C GLY A 109 -10.47 3.28 -10.66
N GLU A 110 -9.86 3.26 -11.84
CA GLU A 110 -9.75 4.46 -12.64
C GLU A 110 -11.10 4.73 -13.30
N ASP A 111 -11.96 5.37 -12.52
CA ASP A 111 -13.36 5.67 -12.87
C ASP A 111 -13.45 7.12 -13.33
N PRO A 112 -13.60 7.34 -14.65
CA PRO A 112 -13.66 8.71 -15.16
C PRO A 112 -14.72 9.61 -14.54
N TYR A 113 -15.81 9.05 -14.02
CA TYR A 113 -16.97 9.88 -13.68
C TYR A 113 -16.63 11.02 -12.74
N MET A 115 -13.72 12.47 -12.14
CA MET A 115 -12.41 13.11 -12.35
C MET A 115 -12.48 14.34 -13.23
N PRO A 116 -11.90 15.46 -12.79
CA PRO A 116 -11.32 15.71 -11.47
C PRO A 116 -12.23 16.38 -10.46
N ASP A 117 -13.33 16.99 -10.89
CA ASP A 117 -13.99 17.97 -10.05
C ASP A 117 -14.77 17.36 -8.88
N VAL A 118 -15.37 16.20 -9.07
CA VAL A 118 -16.12 15.59 -7.95
C VAL A 118 -15.16 15.19 -6.84
N ILE A 119 -14.00 14.62 -7.20
CA ILE A 119 -12.97 14.33 -6.21
C ILE A 119 -12.58 15.59 -5.46
N SER A 120 -12.32 16.68 -6.19
CA SER A 120 -11.94 17.92 -5.52
C SER A 120 -12.98 18.35 -4.50
N ASP A 121 -14.24 18.26 -4.90
CA ASP A 121 -15.33 18.68 -3.99
C ASP A 121 -15.33 17.82 -2.72
N ILE A 122 -15.16 16.51 -2.89
CA ILE A 122 -15.16 15.58 -1.78
C ILE A 122 -13.97 15.84 -0.86
N VAL A 123 -12.79 16.02 -1.45
CA VAL A 123 -11.59 16.28 -0.67
C VAL A 123 -11.75 17.53 0.16
N LYS A 124 -12.31 18.58 -0.43
CA LYS A 124 -12.53 19.82 0.29
C LYS A 124 -13.40 19.60 1.52
N GLU A 125 -14.48 18.86 1.36
CA GLU A 125 -15.37 18.61 2.48
C GLU A 125 -14.73 17.79 3.59
N ILE A 126 -13.94 16.79 3.22
CA ILE A 126 -13.28 15.94 4.20
C ILE A 126 -12.18 16.70 4.94
N LYS A 127 -11.46 17.54 4.22
CA LYS A 127 -10.41 18.35 4.86
C LYS A 127 -10.95 19.28 5.96
N LYS A 128 -12.20 19.68 5.84
CA LYS A 128 -12.84 20.51 6.88
C LYS A 128 -12.88 19.79 8.24
N MET A 129 -12.76 18.46 8.21
CA MET A 129 -12.85 17.61 9.39
CA MET A 129 -12.84 17.72 9.47
C MET A 129 -11.52 17.55 10.17
N GLY A 130 -10.47 18.16 9.62
CA GLY A 130 -9.19 18.26 10.32
C GLY A 130 -8.34 17.01 10.32
N VAL A 131 -8.44 16.25 9.24
CA VAL A 131 -7.71 15.01 9.05
C VAL A 131 -6.89 15.07 7.77
N ALA A 132 -5.96 14.14 7.64
CA ALA A 132 -5.20 13.98 6.40
C ALA A 132 -6.07 13.26 5.37
N VAL A 133 -5.91 13.63 4.11
CA VAL A 133 -6.56 12.96 2.99
C VAL A 133 -5.51 12.39 2.05
N THR A 134 -5.65 11.09 1.79
CA THR A 134 -4.80 10.36 0.86
C THR A 134 -5.68 9.87 -0.28
N LEU A 135 -5.19 10.04 -1.50
CA LEU A 135 -5.89 9.57 -2.69
C LEU A 135 -5.15 8.39 -3.30
N SER A 136 -5.90 7.44 -3.85
CA SER A 136 -5.33 6.31 -4.55
C SER A 136 -6.25 6.01 -5.73
N LEU A 137 -6.15 6.84 -6.77
CA LEU A 137 -7.08 6.82 -7.88
C LEU A 137 -6.47 6.40 -9.20
N GLY A 138 -5.19 6.02 -9.19
CA GLY A 138 -4.48 5.61 -10.40
C GLY A 138 -3.84 6.77 -11.14
N GLU A 139 -3.67 6.54 -12.45
CA GLU A 139 -2.93 7.46 -13.33
C GLU A 139 -3.86 8.47 -13.98
N TRP A 140 -3.56 9.74 -13.78
CA TRP A 140 -4.35 10.84 -14.33
C TRP A 140 -3.41 11.96 -14.76
N PRO A 141 -3.91 12.89 -15.58
CA PRO A 141 -3.07 14.01 -15.99
C PRO A 141 -2.56 14.86 -14.83
N ARG A 142 -1.40 15.47 -15.03
CA ARG A 142 -0.83 16.37 -14.04
CA ARG A 142 -0.83 16.37 -14.04
C ARG A 142 -1.87 17.38 -13.55
N GLU A 143 -2.69 17.90 -14.46
CA GLU A 143 -3.68 18.89 -14.08
C GLU A 143 -4.66 18.38 -13.03
N TYR A 144 -4.99 17.09 -13.08
CA TYR A 144 -5.93 16.53 -12.10
C TYR A 144 -5.22 16.45 -10.75
N TYR A 145 -3.99 15.95 -10.77
CA TYR A 145 -3.21 15.89 -9.53
C TYR A 145 -3.02 17.28 -8.90
N GLU A 146 -2.81 18.28 -9.75
CA GLU A 146 -2.69 19.67 -9.29
CA GLU A 146 -2.69 19.67 -9.29
C GLU A 146 -3.97 20.15 -8.64
N LYS A 147 -5.10 19.88 -9.29
CA LYS A 147 -6.37 20.30 -8.73
C LYS A 147 -6.64 19.65 -7.37
N TRP A 148 -6.30 18.39 -7.26
CA TRP A 148 -6.54 17.66 -6.01
C TRP A 148 -5.64 18.15 -4.89
N LYS A 149 -4.42 18.56 -5.24
CA LYS A 149 -3.49 19.12 -4.24
C LYS A 149 -4.05 20.46 -3.77
N GLU A 150 -4.47 21.29 -4.71
CA GLU A 150 -5.08 22.58 -4.35
C GLU A 150 -6.36 22.42 -3.50
N ALA A 151 -7.10 21.34 -3.74
CA ALA A 151 -8.31 21.04 -2.97
C ALA A 151 -7.97 20.62 -1.54
N GLY A 152 -6.72 20.25 -1.30
CA GLY A 152 -6.25 19.92 0.04
C GLY A 152 -5.74 18.51 0.26
N ALA A 153 -5.69 17.68 -0.78
CA ALA A 153 -5.15 16.31 -0.61
C ALA A 153 -3.71 16.36 -0.11
N ASP A 154 -3.39 15.47 0.82
CA ASP A 154 -2.08 15.44 1.46
C ASP A 154 -1.12 14.42 0.85
N ARG A 155 -1.66 13.26 0.49
CA ARG A 155 -0.87 12.13 0.08
C ARG A 155 -1.50 11.45 -1.13
N TYR A 156 -0.68 10.70 -1.86
CA TYR A 156 -1.16 9.92 -2.99
C TYR A 156 -0.43 8.60 -3.01
N LEU A 157 -1.20 7.51 -3.10
CA LEU A 157 -0.66 6.16 -3.24
C LEU A 157 -0.74 5.73 -4.69
N LEU A 158 0.42 5.36 -5.26
CA LEU A 158 0.47 4.87 -6.63
C LEU A 158 1.58 3.83 -6.72
N ARG A 159 1.26 2.61 -6.34
CA ARG A 159 2.30 1.58 -6.31
C ARG A 159 2.92 1.48 -7.69
N HIS A 160 4.24 1.29 -7.76
CA HIS A 160 4.88 1.16 -9.07
C HIS A 160 4.66 -0.23 -9.68
N GLU A 161 4.22 -1.17 -8.85
CA GLU A 161 3.75 -2.52 -9.21
C GLU A 161 4.90 -3.48 -9.50
N THR A 162 5.71 -3.11 -10.47
CA THR A 162 6.94 -3.83 -10.82
C THR A 162 7.83 -2.85 -11.57
N ALA A 163 9.11 -2.83 -11.20
CA ALA A 163 10.08 -1.93 -11.80
C ALA A 163 10.70 -2.49 -13.08
N ASN A 164 10.30 -3.70 -13.46
CA ASN A 164 10.74 -4.30 -14.73
C ASN A 164 9.82 -3.75 -15.82
N PRO A 165 10.35 -2.91 -16.73
CA PRO A 165 9.45 -2.29 -17.71
C PRO A 165 8.78 -3.24 -18.68
N VAL A 166 9.43 -4.36 -18.99
CA VAL A 166 8.83 -5.35 -19.88
C VAL A 166 7.67 -6.06 -19.20
N LEU A 167 7.88 -6.50 -17.96
CA LEU A 167 6.82 -7.17 -17.21
C LEU A 167 5.67 -6.20 -16.94
N HIS A 168 6.02 -4.95 -16.67
CA HIS A 168 5.02 -3.90 -16.34
C HIS A 168 4.07 -3.71 -17.52
N ARG A 169 4.64 -3.61 -18.72
CA ARG A 169 3.83 -3.38 -19.92
C ARG A 169 2.95 -4.57 -20.27
N LYS A 170 3.46 -5.78 -20.06
CA LYS A 170 2.66 -6.98 -20.24
C LYS A 170 1.47 -7.07 -19.29
N LEU A 171 1.71 -6.77 -18.02
CA LEU A 171 0.65 -6.86 -17.01
C LEU A 171 -0.33 -5.68 -17.01
N ARG A 172 0.10 -4.56 -17.55
CA ARG A 172 -0.66 -3.32 -17.51
C ARG A 172 -0.68 -2.74 -18.93
N PRO A 173 -1.46 -3.38 -19.82
CA PRO A 173 -1.36 -3.13 -21.26
C PRO A 173 -1.84 -1.75 -21.72
N ASP A 174 -2.47 -1.00 -20.82
CA ASP A 174 -2.94 0.35 -21.16
C ASP A 174 -1.86 1.40 -20.97
N THR A 175 -0.74 1.02 -20.35
CA THR A 175 0.21 1.99 -19.87
C THR A 175 1.61 1.40 -19.80
N SER A 176 2.46 1.95 -18.94
CA SER A 176 3.88 1.59 -18.92
C SER A 176 4.51 1.99 -17.62
N PHE A 177 5.65 1.39 -17.32
CA PHE A 177 6.45 1.78 -16.18
C PHE A 177 6.90 3.24 -16.31
N GLU A 178 7.29 3.64 -17.52
CA GLU A 178 7.65 5.02 -17.77
C GLU A 178 6.53 5.96 -17.36
N ASN A 179 5.30 5.65 -17.76
CA ASN A 179 4.14 6.47 -17.34
C ASN A 179 4.01 6.46 -15.81
N ARG A 180 4.08 5.27 -15.22
CA ARG A 180 3.88 5.12 -13.78
C ARG A 180 4.90 5.94 -13.01
N LEU A 181 6.16 5.84 -13.41
CA LEU A 181 7.20 6.64 -12.80
C LEU A 181 6.95 8.14 -12.99
N ASN A 182 6.57 8.52 -14.21
CA ASN A 182 6.30 9.93 -14.44
C ASN A 182 5.17 10.44 -13.52
N LEU A 184 4.45 9.26 -10.49
CA LEU A 184 5.04 9.35 -9.16
C LEU A 184 5.95 10.57 -9.01
N LEU A 185 6.76 10.85 -10.03
CA LEU A 185 7.61 12.06 -9.98
C LEU A 185 6.81 13.35 -9.96
N THR A 186 5.70 13.38 -10.71
CA THR A 186 4.81 14.53 -10.77
C THR A 186 4.16 14.74 -9.40
N LEU A 187 3.69 13.65 -8.80
CA LEU A 187 3.06 13.73 -7.47
C LEU A 187 4.05 14.31 -6.47
N LYS A 188 5.30 13.84 -6.51
CA LYS A 188 6.30 14.36 -5.59
CA LYS A 188 6.34 14.36 -5.59
C LYS A 188 6.58 15.84 -5.84
N GLU A 189 6.67 16.21 -7.11
CA GLU A 189 6.95 17.60 -7.47
C GLU A 189 5.85 18.54 -6.98
N LEU A 190 4.62 18.05 -6.98
CA LEU A 190 3.47 18.80 -6.53
C LEU A 190 3.35 18.92 -5.02
N GLY A 191 4.18 18.19 -4.29
CA GLY A 191 4.23 18.32 -2.84
C GLY A 191 3.42 17.26 -2.10
N TYR A 192 2.91 16.26 -2.81
CA TYR A 192 2.27 15.16 -2.11
C TYR A 192 3.28 14.35 -1.32
N GLU A 193 2.89 13.82 -0.17
CA GLU A 193 3.56 12.65 0.38
CA GLU A 193 3.56 12.65 0.36
C GLU A 193 3.17 11.50 -0.55
N THR A 194 4.17 10.82 -1.11
CA THR A 194 3.95 9.91 -2.19
C THR A 194 4.29 8.47 -1.81
N GLY A 195 3.39 7.57 -2.15
CA GLY A 195 3.55 6.17 -1.90
C GLY A 195 3.74 5.36 -3.17
N ALA A 196 4.74 4.47 -3.12
CA ALA A 196 4.98 3.53 -4.20
C ALA A 196 4.86 2.12 -3.63
N GLY A 197 5.55 1.16 -4.22
CA GLY A 197 5.43 -0.23 -3.79
C GLY A 197 5.05 -1.16 -4.89
N SER A 198 5.00 -2.44 -4.59
CA SER A 198 4.96 -3.44 -5.62
C SER A 198 4.27 -4.69 -5.12
N MET A 199 3.92 -5.56 -6.06
CA MET A 199 3.45 -6.89 -5.75
C MET A 199 4.63 -7.84 -5.82
N VAL A 200 4.55 -8.90 -5.02
CA VAL A 200 5.56 -9.92 -4.95
C VAL A 200 4.97 -11.26 -5.42
N GLY A 201 5.68 -11.91 -6.34
CA GLY A 201 5.24 -13.21 -6.83
C GLY A 201 4.39 -13.12 -8.08
N LEU A 202 4.44 -11.99 -8.77
CA LEU A 202 3.76 -11.86 -10.05
C LEU A 202 4.26 -12.92 -11.03
N PRO A 203 3.39 -13.37 -11.93
CA PRO A 203 3.89 -14.34 -12.92
C PRO A 203 5.00 -13.74 -13.75
N GLY A 204 6.13 -14.45 -13.87
CA GLY A 204 7.27 -13.96 -14.64
C GLY A 204 8.24 -13.07 -13.90
N GLN A 205 7.93 -12.73 -12.65
CA GLN A 205 8.79 -11.89 -11.85
C GLN A 205 9.85 -12.76 -11.20
N THR A 206 11.08 -12.27 -11.18
CA THR A 206 12.22 -12.98 -10.63
C THR A 206 12.74 -12.33 -9.36
N ILE A 207 13.64 -13.02 -8.67
CA ILE A 207 14.31 -12.44 -7.50
C ILE A 207 15.08 -11.17 -7.89
N ASP A 208 15.75 -11.18 -9.05
CA ASP A 208 16.45 -9.99 -9.51
C ASP A 208 15.48 -8.82 -9.72
N ASP A 209 14.27 -9.13 -10.20
CA ASP A 209 13.22 -8.10 -10.30
C ASP A 209 12.90 -7.51 -8.91
N LEU A 210 12.79 -8.36 -7.90
CA LEU A 210 12.53 -7.90 -6.54
C LEU A 210 13.66 -6.99 -6.05
N VAL A 211 14.90 -7.36 -6.34
CA VAL A 211 16.02 -6.51 -5.99
C VAL A 211 15.89 -5.13 -6.66
N ASP A 212 15.51 -5.13 -7.95
CA ASP A 212 15.28 -3.89 -8.67
C ASP A 212 14.19 -3.04 -8.04
N ASP A 213 13.13 -3.70 -7.53
CA ASP A 213 12.07 -2.96 -6.82
C ASP A 213 12.65 -2.28 -5.59
N LEU A 214 13.48 -3.01 -4.84
CA LEU A 214 14.11 -2.43 -3.65
C LEU A 214 15.01 -1.26 -4.01
N LEU A 215 15.82 -1.41 -5.04
CA LEU A 215 16.72 -0.32 -5.45
C LEU A 215 15.97 0.91 -5.97
N PHE A 216 14.86 0.66 -6.67
CA PHE A 216 13.99 1.72 -7.14
C PHE A 216 13.39 2.53 -5.98
N LEU A 217 12.88 1.82 -4.97
CA LEU A 217 12.36 2.49 -3.78
C LEU A 217 13.42 3.33 -3.08
N LYS A 218 14.62 2.78 -2.93
CA LYS A 218 15.72 3.49 -2.28
C LYS A 218 16.12 4.73 -3.10
N GLU A 219 16.18 4.57 -4.42
CA GLU A 219 16.52 5.66 -5.32
C GLU A 219 15.61 6.87 -5.13
N HIS A 220 14.31 6.64 -5.08
CA HIS A 220 13.33 7.73 -5.07
C HIS A 220 12.89 8.14 -3.68
N ASP A 221 13.28 7.37 -2.67
CA ASP A 221 13.06 7.78 -1.28
C ASP A 221 11.60 8.08 -0.95
N PHE A 222 10.72 7.18 -1.32
CA PHE A 222 9.29 7.41 -1.19
C PHE A 222 8.88 7.56 0.27
N ASP A 223 7.84 8.35 0.52
CA ASP A 223 7.32 8.54 1.87
C ASP A 223 6.63 7.30 2.40
N MET A 224 5.96 6.57 1.51
CA MET A 224 5.24 5.36 1.84
CA MET A 224 5.23 5.37 1.84
C MET A 224 5.55 4.27 0.84
N VAL A 225 5.54 3.04 1.31
CA VAL A 225 5.77 1.90 0.45
C VAL A 225 4.77 0.78 0.79
N GLY A 226 3.91 0.48 -0.18
CA GLY A 226 2.89 -0.56 -0.04
C GLY A 226 3.28 -1.80 -0.78
N ILE A 227 3.40 -2.90 -0.04
CA ILE A 227 3.87 -4.17 -0.60
C ILE A 227 2.93 -5.29 -0.20
N GLY A 228 2.55 -6.09 -1.18
CA GLY A 228 1.75 -7.25 -0.93
C GLY A 228 2.02 -8.36 -1.91
N PRO A 229 1.57 -9.56 -1.56
CA PRO A 229 1.70 -10.67 -2.47
C PRO A 229 0.69 -10.58 -3.59
N PHE A 230 1.07 -11.03 -4.77
CA PHE A 230 0.11 -11.26 -5.81
C PHE A 230 -0.87 -12.37 -5.41
N ILE A 231 -2.16 -12.10 -5.53
CA ILE A 231 -3.21 -13.07 -5.25
C ILE A 231 -4.07 -13.26 -6.51
N PRO A 232 -3.99 -14.44 -7.16
CA PRO A 232 -4.73 -14.63 -8.40
CA PRO A 232 -4.74 -14.66 -8.40
C PRO A 232 -6.25 -14.50 -8.23
N HIS A 233 -6.88 -13.88 -9.21
CA HIS A 233 -8.30 -13.63 -9.18
C HIS A 233 -8.95 -14.45 -10.28
N PRO A 234 -10.01 -15.21 -9.95
CA PRO A 234 -10.60 -16.18 -10.89
C PRO A 234 -11.15 -15.57 -12.17
N ASP A 235 -11.49 -14.30 -12.15
CA ASP A 235 -12.10 -13.66 -13.32
C ASP A 235 -11.09 -12.79 -14.09
N THR A 236 -9.83 -13.25 -14.10
CA THR A 236 -8.76 -12.54 -14.77
C THR A 236 -7.90 -13.51 -15.54
N PRO A 237 -7.10 -13.00 -16.48
CA PRO A 237 -6.18 -13.90 -17.22
C PRO A 237 -5.11 -14.62 -16.39
N LEU A 238 -4.87 -14.17 -15.16
CA LEU A 238 -3.87 -14.79 -14.30
C LEU A 238 -4.49 -15.73 -13.25
N ALA A 239 -5.74 -16.11 -13.44
CA ALA A 239 -6.51 -16.97 -12.53
C ALA A 239 -5.78 -18.21 -12.06
N ASN A 240 -5.01 -18.82 -12.96
CA ASN A 240 -4.38 -20.12 -12.71
C ASN A 240 -2.91 -20.00 -12.32
N GLU A 241 -2.44 -18.79 -12.08
CA GLU A 241 -1.05 -18.57 -11.70
C GLU A 241 -0.87 -18.74 -10.19
N LYS A 242 0.38 -18.91 -9.78
CA LYS A 242 0.69 -19.14 -8.38
C LYS A 242 0.60 -17.84 -7.58
N LYS A 243 0.02 -17.92 -6.39
CA LYS A 243 0.04 -16.80 -5.47
C LYS A 243 1.46 -16.48 -5.01
N GLY A 244 1.68 -15.22 -4.67
CA GLY A 244 2.94 -14.82 -4.09
C GLY A 244 3.17 -15.46 -2.73
N ASP A 245 4.44 -15.70 -2.43
CA ASP A 245 4.81 -16.33 -1.18
C ASP A 245 4.84 -15.34 -0.04
N PHE A 246 4.21 -15.71 1.07
CA PHE A 246 4.09 -14.80 2.22
C PHE A 246 5.47 -14.44 2.78
N THR A 247 6.31 -15.45 3.01
CA THR A 247 7.58 -15.18 3.64
C THR A 247 8.47 -14.29 2.77
N LEU A 248 8.49 -14.53 1.45
CA LEU A 248 9.26 -13.70 0.56
C LEU A 248 8.76 -12.24 0.57
N THR A 249 7.44 -12.10 0.55
CA THR A 249 6.84 -10.77 0.63
C THR A 249 7.21 -10.06 1.94
N LEU A 250 7.17 -10.81 3.04
CA LEU A 250 7.56 -10.30 4.36
C LEU A 250 9.03 -9.84 4.36
N LYS A 251 9.90 -10.58 3.68
CA LYS A 251 11.29 -10.18 3.55
C LYS A 251 11.42 -8.88 2.76
N MET A 252 10.59 -8.69 1.73
CA MET A 252 10.55 -7.41 1.01
C MET A 252 10.15 -6.24 1.92
N VAL A 253 9.15 -6.45 2.77
CA VAL A 253 8.76 -5.43 3.74
C VAL A 253 9.92 -5.13 4.70
N ALA A 254 10.56 -6.18 5.19
CA ALA A 254 11.65 -6.01 6.15
C ALA A 254 12.79 -5.23 5.52
N LEU A 255 13.16 -5.64 4.30
CA LEU A 255 14.24 -4.96 3.61
C LEU A 255 13.89 -3.51 3.27
N THR A 256 12.62 -3.26 2.94
CA THR A 256 12.18 -1.90 2.70
C THR A 256 12.37 -1.02 3.95
N ARG A 257 12.01 -1.55 5.11
CA ARG A 257 12.24 -0.78 6.35
C ARG A 257 13.72 -0.50 6.59
N ILE A 258 14.54 -1.51 6.33
CA ILE A 258 15.98 -1.39 6.55
C ILE A 258 16.57 -0.35 5.61
N LEU A 259 16.08 -0.34 4.36
CA LEU A 259 16.55 0.61 3.36
C LEU A 259 16.02 2.02 3.54
N LEU A 260 14.77 2.13 4.00
CA LEU A 260 14.07 3.40 4.12
C LEU A 260 13.54 3.50 5.56
N PRO A 261 14.46 3.73 6.52
CA PRO A 261 14.08 3.55 7.93
C PRO A 261 13.02 4.48 8.47
N ASP A 262 12.86 5.64 7.86
CA ASP A 262 11.88 6.61 8.35
C ASP A 262 10.62 6.66 7.49
N SER A 263 10.41 5.62 6.66
CA SER A 263 9.22 5.61 5.81
C SER A 263 7.99 5.07 6.55
N ASN A 264 6.83 5.32 5.96
CA ASN A 264 5.60 4.71 6.43
C ASN A 264 5.30 3.50 5.57
N ILE A 265 5.13 2.35 6.21
CA ILE A 265 5.01 1.06 5.52
C ILE A 265 3.80 0.31 6.08
N PRO A 266 2.73 0.15 5.29
CA PRO A 266 1.59 -0.60 5.77
CA PRO A 266 1.59 -0.60 5.77
C PRO A 266 1.79 -2.10 5.84
N ALA A 267 1.04 -2.73 6.75
CA ALA A 267 0.82 -4.15 6.79
C ALA A 267 -0.45 -4.33 5.95
N THR A 268 -0.29 -4.69 4.68
CA THR A 268 -1.39 -4.63 3.72
C THR A 268 -2.42 -5.72 3.93
N THR A 269 -3.65 -5.46 3.48
CA THR A 269 -4.69 -6.43 3.65
C THR A 269 -4.40 -7.70 2.88
N ALA A 270 -3.67 -7.59 1.77
CA ALA A 270 -3.28 -8.80 1.03
C ALA A 270 -2.43 -9.73 1.90
N MET A 271 -1.56 -9.17 2.75
CA MET A 271 -0.76 -9.99 3.67
C MET A 271 -1.68 -10.75 4.64
N GLY A 272 -2.75 -10.12 5.12
CA GLY A 272 -3.65 -10.81 6.02
C GLY A 272 -4.62 -11.75 5.32
N THR A 273 -4.73 -11.60 4.00
CA THR A 273 -5.60 -12.46 3.20
C THR A 273 -4.92 -13.80 2.90
N ILE A 274 -3.63 -13.76 2.59
CA ILE A 274 -2.95 -15.03 2.27
C ILE A 274 -2.52 -15.88 3.45
N VAL A 275 -2.39 -15.26 4.62
CA VAL A 275 -2.05 -15.96 5.85
C VAL A 275 -2.86 -15.40 7.00
N PRO A 276 -3.59 -16.26 7.74
CA PRO A 276 -4.31 -15.74 8.90
C PRO A 276 -3.32 -15.11 9.88
N GLY A 277 -3.61 -13.88 10.29
CA GLY A 277 -2.71 -13.09 11.11
C GLY A 277 -1.54 -12.47 10.38
N GLY A 278 -1.62 -12.44 9.06
CA GLY A 278 -0.51 -11.90 8.27
C GLY A 278 -0.19 -10.43 8.52
N ARG A 279 -1.21 -9.62 8.77
CA ARG A 279 -0.96 -8.20 9.02
C ARG A 279 -0.18 -8.01 10.31
N GLU A 280 -0.58 -8.74 11.34
CA GLU A 280 0.05 -8.66 12.65
C GLU A 280 1.52 -9.08 12.55
N ILE A 281 1.80 -10.15 11.82
CA ILE A 281 3.20 -10.54 11.59
C ILE A 281 3.94 -9.38 10.91
N THR A 282 3.32 -8.79 9.90
CA THR A 282 3.97 -7.76 9.11
C THR A 282 4.28 -6.51 9.95
N LEU A 283 3.39 -6.15 10.86
CA LEU A 283 3.61 -5.04 11.78
C LEU A 283 4.78 -5.30 12.72
N ARG A 284 5.19 -6.57 12.85
CA ARG A 284 6.35 -6.91 13.69
C ARG A 284 7.60 -7.19 12.91
N CYS A 285 7.59 -6.94 11.61
CA CYS A 285 8.73 -7.16 10.73
C CYS A 285 9.03 -5.92 9.90
N GLY A 286 8.61 -4.76 10.38
CA GLY A 286 8.99 -3.50 9.74
C GLY A 286 7.85 -2.54 9.44
N ALA A 287 6.63 -3.02 9.39
CA ALA A 287 5.49 -2.14 9.09
C ALA A 287 5.06 -1.34 10.29
N ASN A 288 4.45 -0.19 10.01
CA ASN A 288 3.99 0.73 11.05
C ASN A 288 2.65 1.41 10.77
N VAL A 289 1.96 0.95 9.73
CA VAL A 289 0.68 1.53 9.28
C VAL A 289 -0.30 0.39 9.03
N ILE A 290 -1.58 0.64 9.30
CA ILE A 290 -2.65 -0.33 9.00
C ILE A 290 -3.79 0.44 8.38
N MET A 291 -4.47 -0.18 7.42
CA MET A 291 -5.52 0.47 6.65
CA MET A 291 -5.55 0.46 6.66
C MET A 291 -6.85 -0.30 6.81
N PRO A 292 -7.58 -0.06 7.91
CA PRO A 292 -8.84 -0.79 8.10
C PRO A 292 -9.83 -0.44 7.00
N ASN A 293 -10.60 -1.42 6.57
CA ASN A 293 -11.56 -1.19 5.52
C ASN A 293 -12.75 -0.41 6.07
N TRP A 294 -13.08 0.68 5.41
CA TRP A 294 -14.20 1.50 5.81
C TRP A 294 -15.24 1.65 4.67
N THR A 295 -15.17 0.77 3.68
CA THR A 295 -16.14 0.74 2.61
C THR A 295 -17.44 0.18 3.17
N PRO A 296 -18.57 0.88 2.95
CA PRO A 296 -19.81 0.33 3.53
C PRO A 296 -20.37 -0.83 2.74
N SER A 297 -21.17 -1.66 3.40
CA SER A 297 -22.12 -2.52 2.69
C SER A 297 -23.11 -1.64 1.94
N PRO A 298 -23.59 -2.09 0.77
CA PRO A 298 -23.36 -3.38 0.16
C PRO A 298 -22.20 -3.39 -0.80
N TYR A 299 -21.34 -2.37 -0.75
CA TYR A 299 -20.27 -2.20 -1.74
C TYR A 299 -18.97 -2.93 -1.39
N ARG A 300 -18.68 -3.05 -0.10
CA ARG A 300 -17.42 -3.66 0.32
C ARG A 300 -17.13 -4.97 -0.39
N GLN A 301 -18.13 -5.86 -0.46
CA GLN A 301 -17.95 -7.17 -1.08
C GLN A 301 -17.70 -7.13 -2.60
N LEU A 302 -18.00 -5.99 -3.22
CA LEU A 302 -17.83 -5.80 -4.67
C LEU A 302 -16.47 -5.23 -5.07
N TYR A 303 -15.67 -4.81 -4.10
CA TYR A 303 -14.37 -4.26 -4.40
C TYR A 303 -13.35 -5.35 -4.27
N GLN A 304 -13.25 -6.12 -5.36
CA GLN A 304 -12.53 -7.38 -5.37
C GLN A 304 -11.28 -7.32 -6.23
N LEU A 305 -10.27 -6.59 -5.79
CA LEU A 305 -8.99 -6.55 -6.54
C LEU A 305 -8.46 -7.99 -6.63
N TYR A 306 -8.54 -8.69 -5.51
CA TYR A 306 -8.22 -10.09 -5.37
C TYR A 306 -9.30 -10.74 -4.51
N PRO A 307 -9.45 -12.06 -4.63
CA PRO A 307 -10.50 -12.74 -3.88
C PRO A 307 -10.13 -13.04 -2.43
N GLY A 308 -11.15 -13.35 -1.65
CA GLY A 308 -10.99 -13.81 -0.29
C GLY A 308 -10.69 -12.73 0.72
N LYS A 309 -10.85 -11.46 0.35
CA LYS A 309 -10.42 -10.40 1.27
C LYS A 309 -11.10 -10.57 2.62
N ILE A 310 -10.30 -10.46 3.65
CA ILE A 310 -10.75 -10.74 5.03
CA ILE A 310 -10.73 -10.83 5.01
C ILE A 310 -11.77 -9.74 5.59
C ILE A 310 -11.86 -9.99 5.62
N CYS A 311 -11.79 -8.52 5.09
N CYS A 311 -11.89 -8.70 5.34
CA CYS A 311 -12.66 -7.50 5.66
CA CYS A 311 -12.85 -7.78 5.99
C CYS A 311 -14.17 -7.66 5.31
C CYS A 311 -14.27 -7.83 5.44
N VAL A 312 -14.47 -8.47 4.30
CA VAL A 312 -15.77 -8.43 3.58
C VAL A 312 -17.07 -8.76 4.33
N PHE A 313 -17.04 -9.72 5.23
CA PHE A 313 -18.24 -10.15 5.96
C PHE A 313 -18.49 -9.39 7.25
N GLU A 314 -17.58 -8.47 7.59
CA GLU A 314 -17.70 -7.77 8.86
C GLU A 314 -18.68 -6.63 8.73
N LYS A 315 -19.26 -6.22 9.86
CA LYS A 315 -20.14 -5.06 9.90
C LYS A 315 -19.37 -3.84 9.42
N ASP A 316 -20.13 -2.84 8.97
CA ASP A 316 -19.61 -1.61 8.35
C ASP A 316 -18.55 -0.96 9.19
N THR A 317 -18.74 -0.97 10.50
CA THR A 317 -17.91 -0.15 11.37
C THR A 317 -16.90 -1.01 12.15
N ALA A 318 -16.81 -2.30 11.84
CA ALA A 318 -16.03 -3.22 12.66
C ALA A 318 -14.52 -3.00 12.60
N CYS A 319 -14.02 -2.55 11.45
CA CYS A 319 -12.57 -2.66 11.22
C CYS A 319 -11.71 -1.67 11.98
N ILE A 320 -12.22 -0.48 12.25
CA ILE A 320 -11.47 0.47 13.06
C ILE A 320 -11.30 -0.07 14.50
N PRO A 321 -12.41 -0.43 15.18
CA PRO A 321 -12.24 -1.07 16.48
C PRO A 321 -11.34 -2.31 16.44
N VAL A 323 -8.77 -3.00 14.45
CA VAL A 323 -7.37 -2.66 14.39
C VAL A 323 -6.89 -1.98 15.67
N MET A 324 -7.75 -1.29 16.39
CA MET A 324 -7.33 -0.72 17.67
CA MET A 324 -7.39 -0.71 17.69
C MET A 324 -7.02 -1.81 18.69
N LYS A 325 -7.83 -2.86 18.69
CA LYS A 325 -7.57 -4.03 19.54
C LYS A 325 -6.27 -4.70 19.10
N MET A 326 -6.10 -4.82 17.79
CA MET A 326 -4.87 -5.40 17.24
C MET A 326 -3.64 -4.65 17.76
N ILE A 327 -3.67 -3.34 17.63
CA ILE A 327 -2.58 -2.48 18.02
C ILE A 327 -2.25 -2.68 19.51
N GLU A 328 -3.28 -2.74 20.34
CA GLU A 328 -3.06 -2.98 21.77
C GLU A 328 -2.45 -4.35 22.03
N LEU A 329 -3.01 -5.41 21.44
CA LEU A 329 -2.50 -6.76 21.73
C LEU A 329 -1.09 -6.97 21.18
N LEU A 330 -0.69 -6.17 20.18
CA LEU A 330 0.70 -6.16 19.72
C LEU A 330 1.65 -5.37 20.62
N GLY A 331 1.11 -4.72 21.65
CA GLY A 331 1.93 -3.89 22.55
C GLY A 331 2.36 -2.58 21.93
N ARG A 332 1.56 -2.10 20.98
CA ARG A 332 1.82 -0.88 20.24
C ARG A 332 0.82 0.21 20.66
N LYS A 333 0.91 1.40 20.07
CA LYS A 333 0.03 2.55 20.43
C LYS A 333 -0.65 3.10 19.18
N PRO A 334 -1.89 3.66 19.25
CA PRO A 334 -2.41 4.24 18.01
C PRO A 334 -1.69 5.57 17.74
N GLY A 335 -1.64 5.96 16.49
CA GLY A 335 -1.06 7.22 16.12
C GLY A 335 -1.78 8.37 16.77
N ARG A 336 -0.99 9.37 17.18
CA ARG A 336 -1.49 10.52 17.92
C ARG A 336 -1.83 11.72 17.04
N ASP A 337 -1.25 11.75 15.84
CA ASP A 337 -1.34 12.87 14.92
C ASP A 337 -1.67 12.28 13.55
N TRP A 338 -1.42 13.00 12.46
CA TRP A 338 -1.80 12.49 11.15
C TRP A 338 -0.84 11.39 10.68
N GLY A 339 0.26 11.18 11.38
CA GLY A 339 1.22 10.17 10.97
C GLY A 339 1.91 10.45 9.66
N GLY A 340 2.16 11.72 9.38
CA GLY A 340 2.98 12.07 8.26
C GLY A 340 4.41 11.59 8.44
N ARG A 341 5.14 11.52 7.36
CA ARG A 341 6.52 11.09 7.47
C ARG A 341 7.32 12.09 8.32
N LYS A 342 8.13 11.55 9.22
CA LYS A 342 9.01 12.31 10.12
C LYS A 342 10.42 11.96 9.72
N ARG A 343 10.96 12.76 8.79
CA ARG A 343 12.24 12.44 8.19
C ARG A 343 13.35 12.59 9.22
N VAL A 344 14.21 11.59 9.25
CA VAL A 344 15.43 11.62 10.05
C VAL A 344 16.58 11.74 9.06
N PHE A 345 17.14 12.94 8.94
CA PHE A 345 18.25 13.19 8.02
C PHE A 345 19.49 12.52 8.53
N GLU A 346 20.16 11.79 7.69
CA GLU A 346 21.37 11.13 8.16
C GLU A 346 22.47 11.20 7.12
N THR A 347 23.39 10.24 7.16
CA THR A 347 24.54 10.18 6.28
C THR A 347 24.40 8.95 5.40
#